data_8SA4
#
_entry.id   8SA4
#
_cell.length_a   1.00
_cell.length_b   1.00
_cell.length_c   1.00
_cell.angle_alpha   90.00
_cell.angle_beta   90.00
_cell.angle_gamma   90.00
#
_symmetry.space_group_name_H-M   'P 1'
#
loop_
_entity.id
_entity.type
_entity.pdbx_description
1 polymer 'adenosylcobalamin riboswitch form 3'
2 non-polymer Adenosylcobalamin
#
_entity_poly.entity_id   1
_entity_poly.type   'polyribonucleotide'
_entity_poly.pdbx_seq_one_letter_code
;GGUUAAAGCCUUAUGGUCGCUACCAUUGCACUCCGGUAGCGUUAAAAGGGAAGACGGGUGAGAAUCCCGCGCAGCCCCCG
CUACUGUGAGGGAGGACGAAGCCCUAGUAAGCCACUGCCGAAAGGUGGGAAGGCAGGGUGGAGGAUGAGUCCCGAGCCAG
GAGACCUGCCAUAAGGUUUUAGAAGUUCGCCUUCGGGGGGAAGGUGAACA
;
_entity_poly.pdbx_strand_id   A,B
#
loop_
_chem_comp.id
_chem_comp.type
_chem_comp.name
_chem_comp.formula
A RNA linking ADENOSINE-5'-MONOPHOSPHATE 'C10 H14 N5 O7 P'
B1Z non-polymer Adenosylcobalamin 'C72 H101 Co N18 O17 P'
C RNA linking CYTIDINE-5'-MONOPHOSPHATE 'C9 H14 N3 O8 P'
G RNA linking GUANOSINE-5'-MONOPHOSPHATE 'C10 H14 N5 O8 P'
U RNA linking URIDINE-5'-MONOPHOSPHATE 'C9 H13 N2 O9 P'
#
# COMPACT_ATOMS: atom_id res chain seq x y z
P B1Z C . -6.75 4.02 -0.84
CO B1Z C . 1.10 -0.02 0.38
C1 B1Z C . 0.48 1.36 2.82
C2 B1Z C . 1.24 1.73 4.13
C3 B1Z C . 2.56 2.19 3.51
C4 B1Z C . 2.65 1.49 2.18
C5 B1Z C . 3.90 0.95 1.69
C6 B1Z C . 3.92 0.43 0.43
C7 B1Z C . 5.12 0.42 -0.58
C8 B1Z C . 4.40 0.48 -1.93
C9 B1Z C . 3.04 0.00 -1.51
N0A B1Z C . 1.83 -9.54 -3.61
C0B B1Z C . 3.57 5.50 -0.43
C10 B1Z C . 2.55 -1.24 -2.07
C11 B1Z C . 1.30 -1.54 -1.96
C12 B1Z C . 0.52 -2.05 -3.15
C13 B1Z C . -0.86 -2.15 -2.55
C14 B1Z C . -0.69 -1.48 -1.16
C15 B1Z C . -1.47 -1.94 -0.04
C16 B1Z C . -1.34 -1.26 1.16
C17 B1Z C . -2.28 -1.23 2.40
C18 B1Z C . -1.81 0.00 3.16
C19 B1Z C . -0.40 0.18 2.73
C1A B1Z C . 1.03 -5.47 0.95
N1A B1Z C . 0.19 -7.89 -3.59
C1B B1Z C . 1.63 7.03 -2.09
N1B B1Z C . -1.15 2.90 -1.99
C1P B1Z C . -7.92 0.99 1.10
C1R B1Z C . -2.37 3.17 -2.76
C20 B1Z C . -0.53 2.42 2.36
N21 B1Z C . 1.52 1.02 1.85
N22 B1Z C . 2.80 0.28 -0.33
N23 B1Z C . 0.49 -1.04 -1.04
N24 B1Z C . -0.45 -0.26 1.33
C25 B1Z C . 0.54 2.77 5.01
C26 B1Z C . 1.48 0.54 5.07
C27 B1Z C . 2.78 0.50 5.86
O28 B1Z C . 3.52 -0.45 5.67
N29 B1Z C . 3.09 1.44 6.77
C2A B1Z C . 1.50 -5.69 2.38
C2B B1Z C . -0.88 1.75 -1.40
C2C B1Z C . -0.45 -6.84 -3.03
C2P B1Z C . -8.33 2.06 0.09
O2P B1Z C . -5.55 2.96 -1.08
C2R B1Z C . -3.44 3.80 -1.88
C30 B1Z C . 2.79 3.69 3.35
C31 B1Z C . 3.98 4.27 4.09
C32 B1Z C . 4.03 5.75 3.80
O33 B1Z C . 3.08 6.44 4.09
N34 B1Z C . 5.13 6.23 3.23
C35 B1Z C . 4.84 0.48 2.78
C36 B1Z C . 6.18 1.53 -0.48
C37 B1Z C . 5.76 -0.97 -0.42
C38 B1Z C . 6.90 -1.38 -1.31
O39 B1Z C . 6.74 -1.82 -2.44
C3A B1Z C . 1.85 -4.32 2.92
N3A B1Z C . -0.11 -6.33 -1.84
N3B B1Z C . 0.31 1.77 -0.78
C3P B1Z C . -9.83 2.29 0.24
O3P B1Z C . -7.62 3.29 0.31
C3R B1Z C . -4.72 3.09 -2.22
N40 B1Z C . 8.10 -1.26 -0.75
C41 B1Z C . 4.34 1.83 -2.65
C42 B1Z C . 3.34 1.81 -3.81
C43 B1Z C . 3.12 3.10 -4.52
O44 B1Z C . 3.69 4.12 -4.21
N45 B1Z C . 2.23 3.05 -5.51
C46 B1Z C . 1.03 -3.43 -3.51
C47 B1Z C . 0.79 -1.07 -4.28
C48 B1Z C . -1.95 -1.46 -3.38
C49 B1Z C . -2.64 -2.46 -4.31
C4A B1Z C . 1.47 -3.40 1.77
C4B B1Z C . 2.02 3.55 -0.52
C4D B1Z C . 0.91 -6.83 -1.13
O4P B1Z C . -6.07 5.24 -0.24
C4R B1Z C . -4.27 1.76 -2.75
C50 B1Z C . -3.95 -2.94 -3.74
O51 B1Z C . -4.03 -4.05 -3.26
N52 B1Z C . -5.00 -2.10 -3.82
C53 B1Z C . -1.90 -3.37 -0.21
C54 B1Z C . -2.03 -2.45 3.30
C55 B1Z C . -3.73 -1.02 1.96
C56 B1Z C . -4.16 0.32 1.39
C57 B1Z C . -5.60 0.15 0.98
O58 B1Z C . -5.91 -0.78 0.25
N59 B1Z C . -6.49 1.04 1.44
C5A B1Z C . 2.40 -2.23 1.56
C5B B1Z C . 2.30 4.86 -0.87
C5E B1Z C . 1.64 -7.97 -1.68
O5P B1Z C . -7.56 4.15 -2.11
C5R B1Z C . -5.20 1.33 -3.87
C60 B1Z C . -2.16 0.08 4.65
C61 B1Z C . -2.77 1.43 4.99
O62 B1Z C . -3.37 2.03 4.13
N63 B1Z C . -2.61 1.88 6.22
C6A B1Z C . 1.22 -8.49 -3.00
O6A B1Z C . 1.55 -4.19 0.60
C6B B1Z C . 1.34 5.62 -1.69
O6R B1Z C . -2.93 1.94 -3.19
N7A B1Z C . 2.60 -8.28 -0.79
O7A B1Z C . 0.41 -6.22 3.13
C7B B1Z C . 0.16 5.03 -2.11
O7R B1Z C . -3.19 3.63 -0.48
C8A B1Z C . 2.48 -7.41 0.24
O8A B1Z C . 1.13 -4.08 4.13
C8B B1Z C . -0.13 3.73 -1.76
O8R B1Z C . -4.34 1.09 -5.01
N9A B1Z C . 1.47 -6.55 0.03
C9B B1Z C . 0.84 2.97 -0.93
#